data_8Q59
#
_entry.id   8Q59
#
_cell.length_a   114.637
_cell.length_b   87.739
_cell.length_c   91.008
_cell.angle_alpha   90.00
_cell.angle_beta   110.66
_cell.angle_gamma   90.00
#
_symmetry.space_group_name_H-M   'C 1 2 1'
#
loop_
_entity.id
_entity.type
_entity.pdbx_description
1 polymer 'Tagatose-1,6-bisphosphate aldolase kbaY'
2 non-polymer 'SODIUM ION'
3 non-polymer 'ZINC ION'
4 non-polymer '(3~{S},4~{S})-2,3,4-tris(oxidanyl)-5-oxidanylidene-6-phosphonooxy-hexane-1-sulfonic acid'
5 water water
#
_entity_poly.entity_id   1
_entity_poly.type   'polypeptide(L)'
_entity_poly.pdbx_seq_one_letter_code
;MGSSHHHHHHSSGLVPRGSHMSYVSGNTLIQHAWQHGYAIGAFSVHNAETIRAILLAAEQEQAPVMLQIGQKVISVMGLK
PMKEMIDAFMHDITVPVCIHLDHSRSFEQTMEAVQAGFQSVMFDGSHLSFDENVRITRAVADVAHALNLGVEGEIGKIGG
TEDDISVDEKDALITSCAEALKFSELTTVDYLAVSIGTAHGMYKQEPKLAFERLQEMREIVKKPIVLHGGSGVPDEQIRR
AITLGVAKVNVDTELRQAFTQGVSEVLAASPDEYVLAVSLGRGRDVMQQKVIEKIRLFGSQGQAAAFAG
;
_entity_poly.pdbx_strand_id   A,B
#
loop_
_chem_comp.id
_chem_comp.type
_chem_comp.name
_chem_comp.formula
JP9 non-polymer '(3~{S},4~{S})-2,3,4-tris(oxidanyl)-5-oxidanylidene-6-phosphonooxy-hexane-1-sulfonic acid' ?
NA non-polymer 'SODIUM ION' 'Na 1'
ZN non-polymer 'ZINC ION' 'Zn 2'
#
# COMPACT_ATOMS: atom_id res chain seq x y z
N MET A 21 -3.83 -6.68 17.60
CA MET A 21 -4.48 -5.34 17.57
C MET A 21 -5.93 -5.44 17.10
N SER A 22 -6.79 -4.61 17.68
CA SER A 22 -8.20 -4.61 17.32
C SER A 22 -8.48 -3.61 16.20
N TYR A 23 -7.75 -3.70 15.04
CA TYR A 23 -7.91 -2.73 13.95
C TYR A 23 -8.95 -3.25 12.94
N VAL A 24 -9.85 -2.40 12.49
CA VAL A 24 -10.94 -2.85 11.64
C VAL A 24 -11.09 -1.89 10.48
N SER A 25 -11.37 -2.42 9.30
CA SER A 25 -11.67 -1.59 8.13
C SER A 25 -12.69 -0.52 8.48
N GLY A 26 -12.45 0.71 8.04
CA GLY A 26 -13.39 1.78 8.21
C GLY A 26 -14.71 1.50 7.47
N ASN A 27 -14.65 0.74 6.37
CA ASN A 27 -15.88 0.36 5.69
C ASN A 27 -16.74 -0.55 6.57
N THR A 28 -16.14 -1.55 7.23
CA THR A 28 -16.89 -2.41 8.14
C THR A 28 -17.55 -1.57 9.24
N LEU A 29 -16.81 -0.62 9.83
CA LEU A 29 -17.38 0.20 10.88
C LEU A 29 -18.51 1.08 10.35
N ILE A 30 -18.25 1.81 9.27
CA ILE A 30 -19.22 2.77 8.79
C ILE A 30 -20.49 2.09 8.31
N GLN A 31 -20.36 0.97 7.59
CA GLN A 31 -21.54 0.27 7.08
C GLN A 31 -22.39 -0.22 8.24
N HIS A 32 -21.78 -0.70 9.32
CA HIS A 32 -22.54 -1.21 10.47
C HIS A 32 -23.29 -0.05 11.14
N ALA A 33 -22.60 1.09 11.31
CA ALA A 33 -23.19 2.28 11.84
C ALA A 33 -24.39 2.73 10.98
N TRP A 34 -24.16 2.81 9.67
CA TRP A 34 -25.17 3.23 8.71
C TRP A 34 -26.38 2.31 8.73
N GLN A 35 -26.14 1.01 8.74
CA GLN A 35 -27.20 0.04 8.70
C GLN A 35 -28.02 0.11 10.00
N HIS A 36 -27.47 0.60 11.12
CA HIS A 36 -28.20 0.51 12.39
C HIS A 36 -28.55 1.90 12.92
N GLY A 37 -28.37 2.94 12.11
CA GLY A 37 -28.76 4.28 12.47
C GLY A 37 -27.97 4.87 13.64
N TYR A 38 -26.64 4.60 13.72
CA TYR A 38 -25.75 5.38 14.57
C TYR A 38 -24.57 5.88 13.73
N ALA A 39 -23.62 6.56 14.39
CA ALA A 39 -22.46 7.08 13.71
C ALA A 39 -21.21 6.68 14.48
N ILE A 40 -20.11 6.59 13.73
CA ILE A 40 -18.78 6.39 14.23
C ILE A 40 -18.23 7.78 14.40
N GLY A 41 -17.67 8.04 15.58
CA GLY A 41 -16.92 9.26 15.81
C GLY A 41 -15.54 9.16 15.20
N ALA A 42 -15.13 10.21 14.49
CA ALA A 42 -13.83 10.26 13.85
C ALA A 42 -13.09 11.43 14.46
N PHE A 43 -12.20 11.06 15.38
CA PHE A 43 -11.57 11.98 16.32
C PHE A 43 -10.14 12.22 15.90
N SER A 44 -9.81 13.47 15.61
CA SER A 44 -8.47 13.84 15.13
C SER A 44 -7.44 13.74 16.26
N VAL A 45 -6.28 13.13 15.93
CA VAL A 45 -5.17 12.96 16.87
C VAL A 45 -4.03 13.89 16.52
N HIS A 46 -3.24 14.27 17.56
CA HIS A 46 -2.22 15.28 17.42
C HIS A 46 -0.92 14.91 18.14
N ASN A 47 -0.97 13.97 19.08
CA ASN A 47 0.19 13.61 19.89
C ASN A 47 -0.21 12.46 20.78
N ALA A 48 0.60 12.15 21.80
CA ALA A 48 0.43 10.96 22.59
C ALA A 48 -0.82 11.05 23.44
N GLU A 49 -0.94 12.16 24.15
CA GLU A 49 -2.03 12.33 25.11
C GLU A 49 -3.37 12.34 24.35
N THR A 50 -3.41 12.94 23.16
CA THR A 50 -4.69 13.02 22.44
C THR A 50 -5.08 11.62 21.95
N ILE A 51 -4.08 10.84 21.51
CA ILE A 51 -4.37 9.47 21.13
C ILE A 51 -4.99 8.76 22.33
N ARG A 52 -4.32 8.85 23.50
CA ARG A 52 -4.75 8.09 24.67
C ARG A 52 -6.15 8.51 25.11
N ALA A 53 -6.43 9.81 25.04
CA ALA A 53 -7.72 10.33 25.41
C ALA A 53 -8.81 9.64 24.58
N ILE A 54 -8.59 9.58 23.26
CA ILE A 54 -9.60 8.98 22.39
C ILE A 54 -9.74 7.49 22.66
N LEU A 55 -8.62 6.78 22.74
CA LEU A 55 -8.69 5.35 22.94
C LEU A 55 -9.32 5.00 24.30
N LEU A 56 -8.96 5.74 25.36
CA LEU A 56 -9.48 5.46 26.69
C LEU A 56 -10.98 5.72 26.71
N ALA A 57 -11.40 6.78 26.01
CA ALA A 57 -12.83 7.04 25.85
C ALA A 57 -13.54 5.89 25.16
N ALA A 58 -12.98 5.43 24.03
CA ALA A 58 -13.64 4.38 23.27
C ALA A 58 -13.74 3.11 24.11
N GLU A 59 -12.66 2.79 24.84
CA GLU A 59 -12.62 1.58 25.61
C GLU A 59 -13.66 1.65 26.73
N GLN A 60 -13.78 2.80 27.38
CA GLN A 60 -14.73 3.02 28.47
C GLN A 60 -16.16 2.88 27.94
N GLU A 61 -16.39 3.42 26.73
CA GLU A 61 -17.73 3.43 26.16
C GLU A 61 -18.05 2.14 25.41
N GLN A 62 -17.10 1.20 25.32
CA GLN A 62 -17.24 -0.01 24.54
C GLN A 62 -17.77 0.34 23.15
N ALA A 63 -17.07 1.28 22.51
CA ALA A 63 -17.48 1.86 21.26
C ALA A 63 -16.41 1.64 20.19
N PRO A 64 -16.81 1.35 18.93
CA PRO A 64 -15.90 1.46 17.79
C PRO A 64 -15.62 2.95 17.58
N VAL A 65 -14.43 3.22 17.03
CA VAL A 65 -13.95 4.57 16.88
C VAL A 65 -12.98 4.66 15.69
N MET A 66 -12.91 5.85 15.11
CA MET A 66 -11.90 6.20 14.14
C MET A 66 -10.99 7.24 14.75
N LEU A 67 -9.68 7.06 14.50
CA LEU A 67 -8.68 8.05 14.85
C LEU A 67 -8.22 8.63 13.53
N GLN A 68 -8.35 9.95 13.42
CA GLN A 68 -8.02 10.63 12.18
C GLN A 68 -6.66 11.26 12.30
N ILE A 69 -5.81 11.01 11.30
CA ILE A 69 -4.54 11.65 11.09
C ILE A 69 -4.72 12.57 9.90
N GLY A 70 -4.70 13.88 10.17
CA GLY A 70 -4.90 14.91 9.17
C GLY A 70 -3.62 15.64 8.78
N GLN A 71 -3.82 16.71 8.02
CA GLN A 71 -2.73 17.36 7.30
C GLN A 71 -1.81 18.07 8.30
N LYS A 72 -2.40 18.71 9.30
CA LYS A 72 -1.60 19.49 10.23
C LYS A 72 -0.66 18.57 11.02
N VAL A 73 -1.17 17.48 11.59
CA VAL A 73 -0.33 16.59 12.38
C VAL A 73 0.68 15.88 11.50
N ILE A 74 0.33 15.62 10.25
CA ILE A 74 1.29 15.08 9.31
C ILE A 74 2.44 16.08 9.09
N SER A 75 2.15 17.37 9.00
CA SER A 75 3.24 18.35 8.87
C SER A 75 4.08 18.42 10.15
N VAL A 76 3.51 18.20 11.36
CA VAL A 76 4.25 18.42 12.60
C VAL A 76 5.01 17.14 12.97
N MET A 77 4.29 16.00 13.05
CA MET A 77 4.79 14.74 13.58
C MET A 77 5.23 13.78 12.46
N GLY A 78 4.61 13.87 11.26
CA GLY A 78 4.79 12.86 10.21
C GLY A 78 3.70 11.78 10.22
N LEU A 79 3.40 11.28 9.01
CA LEU A 79 2.36 10.28 8.80
C LEU A 79 2.71 8.97 9.50
N LYS A 80 3.87 8.38 9.16
CA LYS A 80 4.26 7.09 9.70
C LYS A 80 4.46 7.16 11.21
N PRO A 81 5.15 8.18 11.76
CA PRO A 81 5.27 8.29 13.22
C PRO A 81 3.96 8.30 13.98
N MET A 82 2.93 9.00 13.44
CA MET A 82 1.66 9.05 14.11
C MET A 82 1.00 7.68 14.04
N LYS A 83 1.07 7.00 12.90
CA LYS A 83 0.56 5.63 12.80
C LYS A 83 1.23 4.74 13.85
N GLU A 84 2.55 4.81 13.92
CA GLU A 84 3.32 4.01 14.88
C GLU A 84 3.01 4.37 16.34
N MET A 85 2.71 5.64 16.59
CA MET A 85 2.35 6.07 17.94
C MET A 85 1.01 5.44 18.31
N ILE A 86 0.05 5.42 17.37
CA ILE A 86 -1.21 4.77 17.68
C ILE A 86 -0.99 3.32 18.03
N ASP A 87 -0.24 2.62 17.17
CA ASP A 87 0.10 1.22 17.39
C ASP A 87 0.63 1.03 18.82
N ALA A 88 1.50 1.92 19.25
CA ALA A 88 2.15 1.76 20.55
C ALA A 88 1.14 1.86 21.70
N PHE A 89 0.02 2.57 21.50
CA PHE A 89 -0.97 2.77 22.54
C PHE A 89 -2.14 1.79 22.44
N MET A 90 -2.08 0.81 21.54
CA MET A 90 -3.20 -0.09 21.30
C MET A 90 -3.11 -1.34 22.18
N HIS A 91 -2.02 -1.49 22.93
CA HIS A 91 -1.73 -2.73 23.64
C HIS A 91 -2.90 -3.15 24.52
N ASP A 92 -3.57 -2.22 25.22
CA ASP A 92 -4.62 -2.60 26.15
C ASP A 92 -6.02 -2.32 25.58
N ILE A 93 -6.15 -2.17 24.25
CA ILE A 93 -7.41 -1.71 23.68
C ILE A 93 -8.11 -2.89 23.04
N THR A 94 -9.41 -3.07 23.31
CA THR A 94 -10.13 -4.23 22.79
C THR A 94 -11.24 -3.79 21.81
N VAL A 95 -11.61 -2.53 21.75
CA VAL A 95 -12.71 -2.11 20.91
C VAL A 95 -12.22 -1.89 19.48
N PRO A 96 -13.11 -1.90 18.48
CA PRO A 96 -12.70 -1.72 17.09
C PRO A 96 -12.14 -0.32 16.88
N VAL A 97 -10.95 -0.24 16.28
CA VAL A 97 -10.29 1.02 15.98
C VAL A 97 -9.90 1.01 14.50
N CYS A 98 -10.02 2.17 13.86
CA CYS A 98 -9.73 2.36 12.48
C CYS A 98 -8.93 3.64 12.37
N ILE A 99 -7.70 3.53 11.85
CA ILE A 99 -6.88 4.71 11.58
C ILE A 99 -7.22 5.25 10.19
N HIS A 100 -7.55 6.55 10.13
CA HIS A 100 -8.12 7.16 8.95
C HIS A 100 -7.29 8.37 8.58
N LEU A 101 -6.90 8.47 7.29
CA LEU A 101 -6.25 9.65 6.71
C LEU A 101 -7.29 10.69 6.34
N ASP A 102 -7.13 11.88 6.91
CA ASP A 102 -8.12 12.95 6.75
C ASP A 102 -7.56 14.02 5.82
N HIS A 103 -8.43 14.45 4.90
CA HIS A 103 -8.18 15.60 4.04
C HIS A 103 -6.97 15.49 3.14
N SER A 104 -6.67 14.31 2.63
CA SER A 104 -5.52 14.19 1.75
C SER A 104 -5.81 14.79 0.38
N ARG A 105 -4.91 15.63 -0.13
CA ARG A 105 -5.08 16.20 -1.46
C ARG A 105 -4.05 15.67 -2.43
N SER A 106 -3.41 14.56 -2.08
CA SER A 106 -2.39 13.98 -2.94
C SER A 106 -2.60 12.48 -3.03
N PHE A 107 -2.51 11.97 -4.27
CA PHE A 107 -2.57 10.55 -4.52
C PHE A 107 -1.39 9.88 -3.82
N GLU A 108 -0.24 10.51 -3.85
CA GLU A 108 0.97 9.96 -3.25
C GLU A 108 0.77 9.78 -1.74
N GLN A 109 0.28 10.83 -1.07
CA GLN A 109 0.12 10.81 0.37
C GLN A 109 -0.89 9.72 0.75
N THR A 110 -1.96 9.61 -0.04
CA THR A 110 -2.98 8.61 0.21
C THR A 110 -2.41 7.21 0.04
N MET A 111 -1.61 7.00 -1.00
CA MET A 111 -0.94 5.71 -1.16
C MET A 111 0.07 5.45 -0.02
N GLU A 112 0.73 6.48 0.51
CA GLU A 112 1.61 6.29 1.66
C GLU A 112 0.85 5.76 2.88
N ALA A 113 -0.38 6.27 3.09
CA ALA A 113 -1.19 5.81 4.23
C ALA A 113 -1.59 4.37 4.00
N VAL A 114 -1.91 4.03 2.75
CA VAL A 114 -2.24 2.66 2.41
C VAL A 114 -1.05 1.78 2.76
N GLN A 115 0.15 2.17 2.28
CA GLN A 115 1.35 1.42 2.55
C GLN A 115 1.63 1.31 4.04
N ALA A 116 1.31 2.33 4.82
CA ALA A 116 1.58 2.29 6.25
C ALA A 116 0.52 1.49 7.03
N GLY A 117 -0.51 0.98 6.37
CA GLY A 117 -1.45 0.07 7.03
C GLY A 117 -2.64 0.79 7.65
N PHE A 118 -3.03 1.95 7.11
CA PHE A 118 -4.25 2.62 7.53
C PHE A 118 -5.47 1.75 7.20
N GLN A 119 -6.58 1.95 7.96
CA GLN A 119 -7.80 1.19 7.73
C GLN A 119 -8.83 1.97 6.93
N SER A 120 -8.55 3.24 6.68
CA SER A 120 -9.47 4.12 5.99
C SER A 120 -8.67 5.29 5.44
N VAL A 121 -9.07 5.76 4.26
CA VAL A 121 -8.45 6.97 3.71
C VAL A 121 -9.53 7.88 3.14
N MET A 122 -9.34 9.19 3.34
CA MET A 122 -10.07 10.21 2.61
C MET A 122 -9.17 10.88 1.57
N PHE A 123 -9.46 10.67 0.27
CA PHE A 123 -8.89 11.55 -0.75
C PHE A 123 -9.90 12.68 -0.98
N ASP A 124 -9.48 13.89 -0.62
CA ASP A 124 -10.32 15.07 -0.71
C ASP A 124 -9.98 15.83 -2.00
N GLY A 125 -10.70 15.53 -3.07
CA GLY A 125 -10.49 16.22 -4.33
C GLY A 125 -11.42 17.41 -4.49
N SER A 126 -11.94 17.93 -3.38
CA SER A 126 -13.03 18.91 -3.45
C SER A 126 -12.59 20.24 -4.05
N HIS A 127 -11.29 20.53 -4.10
CA HIS A 127 -10.82 21.75 -4.74
C HIS A 127 -10.45 21.49 -6.20
N LEU A 128 -10.63 20.26 -6.71
CA LEU A 128 -10.35 19.93 -8.10
C LEU A 128 -11.63 20.05 -8.91
N SER A 129 -11.50 20.12 -10.24
CA SER A 129 -12.64 19.98 -11.13
C SER A 129 -13.36 18.68 -10.79
N PHE A 130 -14.65 18.62 -11.16
CA PHE A 130 -15.43 17.42 -10.99
C PHE A 130 -14.70 16.20 -11.59
N ASP A 131 -14.18 16.34 -12.81
CA ASP A 131 -13.66 15.19 -13.52
C ASP A 131 -12.36 14.67 -12.86
N GLU A 132 -11.52 15.58 -12.38
CA GLU A 132 -10.24 15.23 -11.79
C GLU A 132 -10.47 14.61 -10.43
N ASN A 133 -11.40 15.20 -9.66
CA ASN A 133 -11.82 14.67 -8.38
C ASN A 133 -12.23 13.22 -8.56
N VAL A 134 -13.13 12.98 -9.53
CA VAL A 134 -13.62 11.64 -9.83
C VAL A 134 -12.47 10.72 -10.19
N ARG A 135 -11.55 11.20 -11.05
CA ARG A 135 -10.52 10.32 -11.57
C ARG A 135 -9.63 9.82 -10.43
N ILE A 136 -9.15 10.75 -9.60
CA ILE A 136 -8.20 10.37 -8.55
C ILE A 136 -8.92 9.60 -7.43
N THR A 137 -10.14 10.03 -7.10
CA THR A 137 -10.92 9.37 -6.04
C THR A 137 -11.19 7.94 -6.44
N ARG A 138 -11.58 7.72 -7.70
CA ARG A 138 -11.82 6.36 -8.17
C ARG A 138 -10.54 5.52 -8.05
N ALA A 139 -9.39 6.06 -8.48
CA ALA A 139 -8.13 5.33 -8.39
C ALA A 139 -7.84 4.92 -6.92
N VAL A 140 -8.06 5.85 -6.00
CA VAL A 140 -7.85 5.61 -4.57
C VAL A 140 -8.84 4.53 -4.09
N ALA A 141 -10.11 4.62 -4.54
CA ALA A 141 -11.12 3.65 -4.12
C ALA A 141 -10.80 2.24 -4.60
N ASP A 142 -10.24 2.12 -5.81
CA ASP A 142 -9.93 0.79 -6.35
C ASP A 142 -8.86 0.13 -5.49
N VAL A 143 -7.91 0.93 -4.99
CA VAL A 143 -6.88 0.38 -4.12
C VAL A 143 -7.52 -0.02 -2.79
N ALA A 144 -8.37 0.84 -2.21
CA ALA A 144 -9.02 0.61 -0.92
C ALA A 144 -9.88 -0.63 -0.96
N HIS A 145 -10.62 -0.80 -2.05
CA HIS A 145 -11.47 -1.97 -2.20
C HIS A 145 -10.59 -3.22 -2.26
N ALA A 146 -9.48 -3.13 -3.02
CA ALA A 146 -8.60 -4.28 -3.17
C ALA A 146 -8.06 -4.73 -1.81
N LEU A 147 -7.78 -3.77 -0.90
CA LEU A 147 -7.14 -4.12 0.36
C LEU A 147 -8.12 -4.11 1.55
N ASN A 148 -9.42 -4.03 1.29
N ASN A 148 -9.43 -4.12 1.29
CA ASN A 148 -10.43 -4.05 2.35
CA ASN A 148 -10.53 -3.93 2.27
C ASN A 148 -10.15 -2.93 3.38
C ASN A 148 -10.17 -2.92 3.36
N LEU A 149 -9.91 -1.71 2.90
CA LEU A 149 -9.95 -0.57 3.77
C LEU A 149 -10.99 0.40 3.23
N GLY A 150 -11.42 1.26 4.15
CA GLY A 150 -12.46 2.25 3.87
C GLY A 150 -11.92 3.34 2.97
N VAL A 151 -12.78 3.84 2.07
CA VAL A 151 -12.45 5.02 1.31
C VAL A 151 -13.57 6.06 1.37
N GLU A 152 -13.13 7.30 1.62
CA GLU A 152 -13.95 8.49 1.72
C GLU A 152 -13.53 9.47 0.64
N GLY A 153 -14.52 10.03 -0.08
CA GLY A 153 -14.28 11.16 -0.95
C GLY A 153 -15.21 12.30 -0.57
N GLU A 154 -14.96 13.46 -1.16
CA GLU A 154 -15.72 14.69 -0.91
C GLU A 154 -16.15 15.32 -2.22
N ILE A 155 -17.45 15.67 -2.32
CA ILE A 155 -17.93 16.52 -3.39
C ILE A 155 -18.62 17.76 -2.80
N GLY A 156 -18.08 18.95 -3.14
CA GLY A 156 -18.49 20.23 -2.56
C GLY A 156 -17.50 20.73 -1.50
N LYS A 157 -17.11 21.99 -1.61
CA LYS A 157 -16.13 22.58 -0.71
C LYS A 157 -16.78 22.76 0.66
N ILE A 158 -16.03 22.42 1.72
CA ILE A 158 -16.37 22.76 3.08
C ILE A 158 -15.20 23.60 3.61
N GLY A 159 -15.50 24.88 3.86
CA GLY A 159 -14.47 25.81 4.28
C GLY A 159 -14.38 25.96 5.79
N GLY A 160 -13.94 27.15 6.20
CA GLY A 160 -13.73 27.51 7.59
C GLY A 160 -14.82 28.48 8.07
N THR A 161 -14.97 28.59 9.38
CA THR A 161 -15.97 29.44 10.00
C THR A 161 -15.55 30.92 9.99
N GLU A 162 -14.24 31.20 9.89
CA GLU A 162 -13.69 32.54 10.14
C GLU A 162 -14.13 33.55 9.05
N ASP A 171 -26.83 28.56 0.83
CA ASP A 171 -27.79 27.84 -0.05
C ASP A 171 -27.01 27.27 -1.24
N ALA A 172 -26.25 28.15 -1.92
CA ALA A 172 -25.44 27.80 -3.08
C ALA A 172 -24.31 26.82 -2.72
N LEU A 173 -23.82 26.89 -1.47
CA LEU A 173 -22.70 26.07 -1.05
C LEU A 173 -23.13 24.58 -0.97
N ILE A 174 -24.43 24.31 -0.73
CA ILE A 174 -24.95 22.97 -0.47
C ILE A 174 -24.84 22.08 -1.72
N THR A 175 -24.32 20.85 -1.51
CA THR A 175 -24.13 19.88 -2.57
C THR A 175 -25.50 19.38 -3.05
N SER A 176 -25.68 19.31 -4.38
CA SER A 176 -26.93 18.81 -4.94
C SER A 176 -26.95 17.30 -4.83
N CYS A 177 -28.16 16.75 -4.77
CA CYS A 177 -28.34 15.34 -4.70
C CYS A 177 -27.81 14.68 -5.97
N ALA A 178 -28.08 15.28 -7.14
CA ALA A 178 -27.65 14.70 -8.41
C ALA A 178 -26.12 14.61 -8.49
N GLU A 179 -25.43 15.66 -8.05
CA GLU A 179 -23.98 15.69 -8.06
C GLU A 179 -23.42 14.61 -7.13
N ALA A 180 -24.00 14.49 -5.94
CA ALA A 180 -23.58 13.48 -4.99
C ALA A 180 -23.76 12.10 -5.58
N LEU A 181 -24.89 11.85 -6.28
CA LEU A 181 -25.17 10.55 -6.87
C LEU A 181 -24.15 10.21 -7.95
N LYS A 182 -23.88 11.17 -8.83
CA LYS A 182 -23.00 10.92 -9.97
C LYS A 182 -21.58 10.69 -9.46
N PHE A 183 -21.11 11.57 -8.59
CA PHE A 183 -19.80 11.39 -7.98
C PHE A 183 -19.69 10.03 -7.31
N SER A 184 -20.71 9.69 -6.50
CA SER A 184 -20.75 8.43 -5.77
C SER A 184 -20.66 7.23 -6.71
N GLU A 185 -21.40 7.26 -7.83
CA GLU A 185 -21.42 6.11 -8.71
C GLU A 185 -20.13 6.05 -9.53
N LEU A 186 -19.56 7.18 -9.94
CA LEU A 186 -18.34 7.14 -10.71
C LEU A 186 -17.14 6.75 -9.83
N THR A 187 -17.15 7.07 -8.53
CA THR A 187 -15.96 6.84 -7.68
C THR A 187 -16.01 5.52 -6.93
N THR A 188 -17.22 5.10 -6.55
CA THR A 188 -17.44 3.93 -5.72
C THR A 188 -16.92 4.15 -4.29
N VAL A 189 -16.84 5.38 -3.83
CA VAL A 189 -16.46 5.61 -2.42
C VAL A 189 -17.41 4.85 -1.49
N ASP A 190 -16.90 4.50 -0.33
CA ASP A 190 -17.66 3.75 0.65
C ASP A 190 -18.52 4.72 1.47
N TYR A 191 -18.02 5.92 1.72
CA TYR A 191 -18.73 6.93 2.49
C TYR A 191 -18.32 8.28 1.90
N LEU A 192 -19.25 9.24 1.95
CA LEU A 192 -19.18 10.45 1.15
C LEU A 192 -19.35 11.68 2.01
N ALA A 193 -18.38 12.58 1.90
CA ALA A 193 -18.45 13.90 2.48
C ALA A 193 -19.13 14.83 1.47
N VAL A 194 -20.10 15.58 1.97
CA VAL A 194 -20.82 16.56 1.17
C VAL A 194 -20.93 17.82 1.99
N SER A 195 -21.25 18.91 1.29
CA SER A 195 -21.46 20.22 1.86
C SER A 195 -22.92 20.38 2.27
N ILE A 196 -23.21 20.35 3.59
CA ILE A 196 -24.59 20.30 4.07
C ILE A 196 -24.83 21.27 5.23
N GLY A 197 -24.05 22.35 5.31
CA GLY A 197 -24.29 23.43 6.27
C GLY A 197 -23.21 23.52 7.35
N THR A 198 -22.19 22.65 7.32
CA THR A 198 -21.12 22.75 8.31
C THR A 198 -19.91 23.49 7.75
N ALA A 199 -18.95 23.80 8.64
CA ALA A 199 -17.67 24.37 8.26
C ALA A 199 -16.67 23.99 9.33
N HIS A 200 -15.37 24.06 8.99
CA HIS A 200 -14.33 23.67 9.94
C HIS A 200 -14.05 24.82 10.90
N GLY A 201 -13.84 24.52 12.20
CA GLY A 201 -13.40 25.53 13.15
C GLY A 201 -14.51 25.88 14.16
N MET A 202 -14.29 26.92 14.96
CA MET A 202 -15.24 27.40 15.96
C MET A 202 -16.32 28.17 15.21
N TYR A 203 -17.59 27.82 15.43
CA TYR A 203 -18.65 28.44 14.65
C TYR A 203 -18.87 29.87 15.16
N LYS A 204 -18.95 30.84 14.24
CA LYS A 204 -19.30 32.20 14.61
C LYS A 204 -20.81 32.25 14.82
N GLN A 205 -21.58 31.89 13.77
CA GLN A 205 -23.02 31.71 13.88
C GLN A 205 -23.33 30.22 14.05
N GLU A 206 -24.35 29.88 14.86
CA GLU A 206 -24.80 28.50 14.98
C GLU A 206 -25.21 27.99 13.59
N PRO A 207 -24.74 26.81 13.13
CA PRO A 207 -25.07 26.31 11.78
C PRO A 207 -26.47 25.70 11.75
N LYS A 208 -27.09 25.65 10.56
CA LYS A 208 -28.35 24.92 10.39
C LYS A 208 -28.16 23.91 9.26
N LEU A 209 -28.23 22.61 9.54
CA LEU A 209 -27.85 21.61 8.54
C LEU A 209 -28.96 21.47 7.49
N ALA A 210 -28.57 21.00 6.30
CA ALA A 210 -29.54 20.86 5.20
C ALA A 210 -30.24 19.52 5.28
N PHE A 211 -31.22 19.42 6.18
CA PHE A 211 -31.81 18.13 6.53
C PHE A 211 -32.57 17.54 5.34
N GLU A 212 -33.20 18.41 4.55
CA GLU A 212 -33.99 17.91 3.43
C GLU A 212 -33.02 17.28 2.43
N ARG A 213 -31.87 17.95 2.23
CA ARG A 213 -30.84 17.44 1.33
C ARG A 213 -30.30 16.11 1.82
N LEU A 214 -30.08 15.97 3.14
CA LEU A 214 -29.60 14.69 3.67
C LEU A 214 -30.61 13.58 3.38
N GLN A 215 -31.89 13.89 3.58
CA GLN A 215 -32.94 12.90 3.34
C GLN A 215 -32.96 12.47 1.86
N GLU A 216 -32.88 13.43 0.93
CA GLU A 216 -32.79 13.08 -0.48
C GLU A 216 -31.62 12.11 -0.71
N MET A 217 -30.44 12.47 -0.20
CA MET A 217 -29.27 11.66 -0.44
C MET A 217 -29.45 10.28 0.16
N ARG A 218 -30.11 10.20 1.31
CA ARG A 218 -30.31 8.88 1.90
C ARG A 218 -31.12 7.98 0.98
N GLU A 219 -32.18 8.53 0.36
CA GLU A 219 -33.08 7.77 -0.52
C GLU A 219 -32.44 7.46 -1.88
N ILE A 220 -31.62 8.36 -2.42
CA ILE A 220 -31.17 8.26 -3.80
C ILE A 220 -29.71 7.85 -3.91
N VAL A 221 -28.82 8.51 -3.16
CA VAL A 221 -27.43 8.12 -3.17
C VAL A 221 -27.24 6.77 -2.46
N LYS A 222 -27.88 6.60 -1.29
CA LYS A 222 -27.91 5.35 -0.55
C LYS A 222 -26.50 4.95 -0.11
N LYS A 223 -25.73 5.89 0.40
CA LYS A 223 -24.43 5.64 0.98
C LYS A 223 -24.32 6.40 2.28
N PRO A 224 -23.51 5.90 3.24
CA PRO A 224 -23.23 6.62 4.46
C PRO A 224 -22.64 7.96 4.13
N ILE A 225 -23.13 8.99 4.83
CA ILE A 225 -22.64 10.35 4.71
C ILE A 225 -21.68 10.66 5.86
N VAL A 226 -20.66 11.45 5.52
CA VAL A 226 -19.69 11.91 6.50
C VAL A 226 -19.95 13.39 6.75
N LEU A 227 -20.09 13.72 8.05
CA LEU A 227 -20.24 15.10 8.48
C LEU A 227 -18.91 15.68 8.93
N HIS A 228 -18.38 16.58 8.09
CA HIS A 228 -17.23 17.41 8.39
C HIS A 228 -17.73 18.59 9.19
N GLY A 229 -16.83 19.18 9.98
CA GLY A 229 -17.15 20.35 10.75
C GLY A 229 -18.10 20.03 11.91
N GLY A 230 -17.94 18.84 12.49
CA GLY A 230 -18.80 18.35 13.56
C GLY A 230 -18.64 19.11 14.88
N SER A 231 -17.50 19.79 15.12
CA SER A 231 -17.26 20.54 16.35
C SER A 231 -18.28 21.67 16.47
N GLY A 232 -18.93 21.79 17.63
CA GLY A 232 -19.83 22.90 17.91
C GLY A 232 -21.19 22.85 17.19
N VAL A 233 -21.52 21.77 16.48
CA VAL A 233 -22.86 21.67 15.91
C VAL A 233 -23.82 21.32 17.04
N PRO A 234 -24.98 21.97 17.19
CA PRO A 234 -25.91 21.61 18.28
C PRO A 234 -26.23 20.13 18.29
N ASP A 235 -26.23 19.55 19.49
CA ASP A 235 -26.47 18.13 19.69
C ASP A 235 -27.70 17.65 18.92
N GLU A 236 -28.81 18.39 18.98
CA GLU A 236 -30.09 17.97 18.39
C GLU A 236 -29.95 17.85 16.88
N GLN A 237 -29.21 18.76 16.25
CA GLN A 237 -29.00 18.67 14.82
C GLN A 237 -28.12 17.46 14.44
N ILE A 238 -27.12 17.15 15.28
CA ILE A 238 -26.30 15.96 15.08
C ILE A 238 -27.19 14.73 15.13
N ARG A 239 -28.03 14.62 16.17
CA ARG A 239 -28.83 13.41 16.33
CA ARG A 239 -28.83 13.41 16.33
C ARG A 239 -29.75 13.22 15.11
N ARG A 240 -30.34 14.29 14.63
CA ARG A 240 -31.25 14.22 13.50
C ARG A 240 -30.49 13.80 12.22
N ALA A 241 -29.30 14.38 12.03
CA ALA A 241 -28.50 14.09 10.85
C ALA A 241 -28.14 12.60 10.82
N ILE A 242 -27.79 12.06 12.00
CA ILE A 242 -27.50 10.66 12.07
C ILE A 242 -28.72 9.81 11.68
N THR A 243 -29.94 10.20 12.09
CA THR A 243 -31.12 9.45 11.68
C THR A 243 -31.34 9.54 10.16
N LEU A 244 -30.80 10.56 9.51
CA LEU A 244 -30.90 10.72 8.07
C LEU A 244 -29.71 10.15 7.30
N GLY A 245 -28.83 9.41 7.96
CA GLY A 245 -27.80 8.64 7.26
C GLY A 245 -26.37 9.16 7.42
N VAL A 246 -26.15 10.19 8.23
CA VAL A 246 -24.78 10.53 8.61
C VAL A 246 -24.26 9.40 9.50
N ALA A 247 -23.18 8.74 9.04
CA ALA A 247 -22.65 7.63 9.79
C ALA A 247 -21.21 7.85 10.26
N LYS A 248 -20.61 8.97 9.91
CA LYS A 248 -19.29 9.31 10.39
C LYS A 248 -19.30 10.80 10.72
N VAL A 249 -18.92 11.15 11.95
CA VAL A 249 -18.90 12.54 12.36
C VAL A 249 -17.49 12.90 12.74
N ASN A 250 -16.93 13.89 12.05
CA ASN A 250 -15.56 14.25 12.26
C ASN A 250 -15.52 15.31 13.35
N VAL A 251 -14.67 15.10 14.36
CA VAL A 251 -14.50 16.06 15.44
C VAL A 251 -13.01 16.29 15.72
N ASP A 252 -12.56 17.53 15.62
CA ASP A 252 -11.18 17.89 15.90
C ASP A 252 -11.10 19.09 16.84
N THR A 253 -11.56 20.25 16.35
CA THR A 253 -11.42 21.52 17.09
C THR A 253 -11.97 21.40 18.51
N GLU A 254 -13.13 20.80 18.66
CA GLU A 254 -13.74 20.76 19.98
C GLU A 254 -12.88 19.92 20.95
N LEU A 255 -12.15 18.92 20.46
CA LEU A 255 -11.30 18.12 21.33
C LEU A 255 -10.07 18.92 21.71
N ARG A 256 -9.53 19.67 20.75
CA ARG A 256 -8.37 20.51 21.00
C ARG A 256 -8.72 21.62 22.02
N GLN A 257 -9.93 22.14 21.91
CA GLN A 257 -10.43 23.10 22.90
C GLN A 257 -10.48 22.46 24.28
N ALA A 258 -11.07 21.27 24.40
CA ALA A 258 -11.17 20.57 25.66
C ALA A 258 -9.77 20.29 26.23
N PHE A 259 -8.83 19.86 25.36
CA PHE A 259 -7.47 19.59 25.80
C PHE A 259 -6.82 20.87 26.34
N THR A 260 -6.96 21.96 25.58
CA THR A 260 -6.39 23.26 25.91
C THR A 260 -6.97 23.82 27.22
N GLN A 261 -8.27 23.62 27.41
CA GLN A 261 -8.92 24.09 28.62
C GLN A 261 -8.41 23.32 29.84
N GLY A 262 -8.22 22.02 29.71
CA GLY A 262 -7.68 21.23 30.81
C GLY A 262 -6.27 21.68 31.19
N VAL A 263 -5.44 21.95 30.19
CA VAL A 263 -4.08 22.40 30.43
C VAL A 263 -4.10 23.74 31.17
N SER A 264 -5.02 24.63 30.77
CA SER A 264 -5.16 25.97 31.30
C SER A 264 -5.62 25.99 32.76
N GLU A 265 -6.62 25.18 33.12
CA GLU A 265 -7.02 25.04 34.53
C GLU A 265 -5.79 24.83 35.40
N VAL A 266 -4.79 24.05 34.93
CA VAL A 266 -3.61 23.75 35.72
C VAL A 266 -2.61 24.92 35.72
N LEU A 267 -2.24 25.40 34.53
CA LEU A 267 -1.13 26.34 34.41
C LEU A 267 -1.48 27.76 34.88
N ALA A 268 -2.73 28.18 34.61
CA ALA A 268 -3.26 29.43 35.15
C ALA A 268 -3.24 29.41 36.68
N ALA A 269 -3.69 28.29 37.29
CA ALA A 269 -3.73 28.20 38.76
C ALA A 269 -2.31 28.07 39.33
N SER A 270 -1.43 27.31 38.66
N SER A 270 -1.43 27.31 38.66
CA SER A 270 -0.07 27.06 39.14
CA SER A 270 -0.08 27.07 39.14
C SER A 270 0.91 27.20 37.97
C SER A 270 0.91 27.20 37.97
N PRO A 271 1.38 28.42 37.65
CA PRO A 271 2.29 28.61 36.50
C PRO A 271 3.59 27.83 36.62
N ASP A 272 3.94 27.43 37.85
CA ASP A 272 5.19 26.75 38.11
C ASP A 272 4.94 25.24 38.28
N GLU A 273 3.75 24.76 37.88
CA GLU A 273 3.47 23.32 37.86
C GLU A 273 4.17 22.72 36.65
N TYR A 274 5.33 22.07 36.89
CA TYR A 274 6.15 21.57 35.80
C TYR A 274 5.98 20.05 35.60
N VAL A 275 5.06 19.39 36.32
CA VAL A 275 4.81 17.96 36.12
C VAL A 275 3.81 17.83 34.95
N LEU A 276 4.30 17.40 33.78
CA LEU A 276 3.50 17.31 32.55
C LEU A 276 2.35 16.33 32.72
N ALA A 277 2.58 15.30 33.54
CA ALA A 277 1.56 14.33 33.89
C ALA A 277 0.37 15.03 34.53
N VAL A 278 0.60 16.18 35.17
CA VAL A 278 -0.47 16.93 35.82
C VAL A 278 -1.09 17.91 34.80
N SER A 279 -0.27 18.75 34.14
CA SER A 279 -0.82 19.75 33.27
C SER A 279 -1.40 19.12 31.99
N LEU A 280 -0.61 18.27 31.33
CA LEU A 280 -1.06 17.64 30.11
C LEU A 280 -2.02 16.52 30.45
N GLY A 281 -1.82 15.82 31.58
CA GLY A 281 -2.77 14.85 32.10
C GLY A 281 -4.18 15.41 32.22
N ARG A 282 -4.31 16.66 32.70
CA ARG A 282 -5.61 17.28 32.89
C ARG A 282 -6.21 17.57 31.51
N GLY A 283 -5.39 18.10 30.58
CA GLY A 283 -5.83 18.24 29.21
C GLY A 283 -6.36 16.92 28.65
N ARG A 284 -5.59 15.85 28.88
CA ARG A 284 -6.00 14.52 28.47
C ARG A 284 -7.33 14.12 29.11
N ASP A 285 -7.52 14.38 30.41
CA ASP A 285 -8.75 13.91 31.09
C ASP A 285 -9.98 14.66 30.60
N VAL A 286 -9.83 15.97 30.41
CA VAL A 286 -10.93 16.81 29.97
C VAL A 286 -11.27 16.46 28.51
N MET A 287 -10.27 16.23 27.67
CA MET A 287 -10.49 15.75 26.31
C MET A 287 -11.17 14.38 26.33
N GLN A 288 -10.76 13.48 27.21
CA GLN A 288 -11.39 12.18 27.27
C GLN A 288 -12.89 12.30 27.52
N GLN A 289 -13.29 13.19 28.44
CA GLN A 289 -14.70 13.36 28.77
C GLN A 289 -15.45 13.94 27.57
N LYS A 290 -14.85 14.89 26.84
CA LYS A 290 -15.44 15.37 25.61
C LYS A 290 -15.66 14.20 24.63
N VAL A 291 -14.69 13.28 24.53
CA VAL A 291 -14.80 12.22 23.54
C VAL A 291 -15.92 11.28 23.99
N ILE A 292 -15.98 10.97 25.28
CA ILE A 292 -17.08 10.16 25.82
C ILE A 292 -18.42 10.77 25.46
N GLU A 293 -18.54 12.09 25.65
CA GLU A 293 -19.76 12.81 25.36
C GLU A 293 -20.13 12.64 23.87
N LYS A 294 -19.13 12.77 22.97
CA LYS A 294 -19.37 12.63 21.54
C LYS A 294 -19.77 11.22 21.15
N ILE A 295 -19.10 10.22 21.72
CA ILE A 295 -19.43 8.83 21.44
C ILE A 295 -20.91 8.59 21.78
N ARG A 296 -21.33 9.11 22.94
CA ARG A 296 -22.71 8.89 23.38
C ARG A 296 -23.64 9.69 22.47
N LEU A 297 -23.24 10.91 22.10
CA LEU A 297 -24.09 11.66 21.20
C LEU A 297 -24.34 10.87 19.92
N PHE A 298 -23.30 10.18 19.43
CA PHE A 298 -23.32 9.58 18.11
C PHE A 298 -24.04 8.24 18.12
N GLY A 299 -24.34 7.72 19.32
CA GLY A 299 -25.03 6.43 19.41
C GLY A 299 -24.11 5.22 19.34
N SER A 300 -22.79 5.41 19.50
CA SER A 300 -21.87 4.31 19.23
C SER A 300 -21.48 3.57 20.50
N GLN A 301 -21.94 4.04 21.68
CA GLN A 301 -21.60 3.36 22.92
C GLN A 301 -22.21 1.96 22.95
N GLY A 302 -21.47 1.01 23.51
CA GLY A 302 -21.87 -0.38 23.54
C GLY A 302 -21.71 -1.14 22.21
N GLN A 303 -21.48 -0.45 21.10
CA GLN A 303 -21.57 -1.11 19.79
C GLN A 303 -20.34 -1.98 19.50
N ALA A 304 -19.29 -1.93 20.35
CA ALA A 304 -18.18 -2.84 20.19
C ALA A 304 -18.66 -4.30 20.19
N ALA A 305 -19.67 -4.61 20.99
CA ALA A 305 -20.22 -5.96 21.01
C ALA A 305 -20.67 -6.42 19.62
N ALA A 306 -21.17 -5.53 18.77
CA ALA A 306 -21.61 -5.95 17.45
C ALA A 306 -20.45 -6.51 16.62
N PHE A 307 -19.18 -6.26 16.98
CA PHE A 307 -18.07 -6.66 16.09
C PHE A 307 -17.24 -7.81 16.68
N ALA A 308 -17.59 -8.31 17.88
CA ALA A 308 -16.81 -9.32 18.57
C ALA A 308 -17.07 -10.70 17.95
N MET B 21 17.83 -1.55 6.71
CA MET B 21 17.87 -2.54 5.60
C MET B 21 18.32 -1.83 4.32
N SER B 22 19.05 -2.59 3.48
CA SER B 22 19.59 -2.03 2.25
C SER B 22 18.61 -2.28 1.10
N TYR B 23 17.32 -1.85 1.24
CA TYR B 23 16.29 -2.15 0.23
C TYR B 23 16.19 -0.98 -0.74
N VAL B 24 16.09 -1.25 -2.02
CA VAL B 24 16.15 -0.19 -3.00
C VAL B 24 15.03 -0.40 -4.00
N SER B 25 14.43 0.69 -4.47
CA SER B 25 13.42 0.63 -5.53
C SER B 25 13.95 -0.17 -6.72
N GLY B 26 13.13 -1.06 -7.25
CA GLY B 26 13.47 -1.79 -8.46
C GLY B 26 13.75 -0.86 -9.65
N ASN B 27 13.06 0.28 -9.68
CA ASN B 27 13.26 1.25 -10.73
C ASN B 27 14.68 1.84 -10.65
N THR B 28 15.13 2.23 -9.46
CA THR B 28 16.51 2.70 -9.29
C THR B 28 17.50 1.65 -9.80
N LEU B 29 17.33 0.41 -9.40
CA LEU B 29 18.25 -0.66 -9.84
C LEU B 29 18.22 -0.83 -11.35
N ILE B 30 17.03 -1.00 -11.92
CA ILE B 30 16.93 -1.35 -13.32
C ILE B 30 17.43 -0.21 -14.20
N GLN B 31 17.05 1.03 -13.89
CA GLN B 31 17.48 2.18 -14.67
C GLN B 31 19.01 2.27 -14.70
N HIS B 32 19.66 2.06 -13.55
CA HIS B 32 21.10 2.13 -13.45
C HIS B 32 21.75 1.03 -14.31
N ALA B 33 21.24 -0.19 -14.21
CA ALA B 33 21.69 -1.30 -15.02
C ALA B 33 21.57 -0.97 -16.51
N TRP B 34 20.38 -0.51 -16.91
CA TRP B 34 20.05 -0.16 -18.28
C TRP B 34 20.98 0.92 -18.83
N GLN B 35 21.25 1.95 -18.03
CA GLN B 35 22.12 3.03 -18.42
C GLN B 35 23.59 2.58 -18.55
N HIS B 36 23.98 1.49 -17.87
CA HIS B 36 25.39 1.14 -17.77
C HIS B 36 25.68 -0.20 -18.46
N GLY B 37 24.73 -0.67 -19.27
CA GLY B 37 24.94 -1.87 -20.08
C GLY B 37 25.12 -3.13 -19.25
N TYR B 38 24.36 -3.30 -18.15
CA TYR B 38 24.38 -4.54 -17.40
C TYR B 38 22.93 -4.86 -17.04
N ALA B 39 22.74 -5.99 -16.37
CA ALA B 39 21.43 -6.41 -15.95
C ALA B 39 21.47 -6.81 -14.49
N ILE B 40 20.32 -6.60 -13.84
CA ILE B 40 20.04 -7.06 -12.50
C ILE B 40 19.48 -8.47 -12.63
N GLY B 41 20.07 -9.40 -11.88
CA GLY B 41 19.52 -10.73 -11.79
C GLY B 41 18.30 -10.73 -10.84
N ALA B 42 17.22 -11.35 -11.28
CA ALA B 42 15.99 -11.47 -10.53
C ALA B 42 15.81 -12.94 -10.24
N PHE B 43 16.16 -13.30 -9.01
CA PHE B 43 16.30 -14.66 -8.56
C PHE B 43 15.11 -15.05 -7.71
N SER B 44 14.40 -16.09 -8.12
CA SER B 44 13.21 -16.54 -7.41
C SER B 44 13.58 -17.25 -6.10
N VAL B 45 12.85 -16.90 -5.02
CA VAL B 45 13.04 -17.50 -3.71
C VAL B 45 11.87 -18.43 -3.36
N HIS B 46 12.17 -19.43 -2.53
CA HIS B 46 11.21 -20.48 -2.22
C HIS B 46 11.15 -20.80 -0.73
N ASN B 47 12.19 -20.44 0.02
CA ASN B 47 12.27 -20.83 1.41
C ASN B 47 13.49 -20.14 2.01
N ALA B 48 13.90 -20.57 3.20
CA ALA B 48 14.97 -19.91 3.92
C ALA B 48 16.31 -20.08 3.23
N GLU B 49 16.63 -21.33 2.87
CA GLU B 49 17.93 -21.63 2.30
C GLU B 49 18.09 -20.92 0.95
N THR B 50 17.01 -20.84 0.14
CA THR B 50 17.12 -20.25 -1.17
C THR B 50 17.31 -18.74 -1.05
N ILE B 51 16.61 -18.13 -0.10
CA ILE B 51 16.82 -16.73 0.18
C ILE B 51 18.30 -16.53 0.51
N ARG B 52 18.83 -17.30 1.46
CA ARG B 52 20.18 -17.08 1.93
C ARG B 52 21.19 -17.31 0.81
N ALA B 53 20.96 -18.32 -0.03
CA ALA B 53 21.84 -18.54 -1.15
C ALA B 53 21.97 -17.30 -2.01
N ILE B 54 20.83 -16.70 -2.36
CA ILE B 54 20.84 -15.52 -3.21
C ILE B 54 21.51 -14.34 -2.50
N LEU B 55 21.13 -14.07 -1.25
CA LEU B 55 21.73 -12.95 -0.53
C LEU B 55 23.25 -13.13 -0.33
N LEU B 56 23.70 -14.33 0.01
CA LEU B 56 25.13 -14.58 0.25
C LEU B 56 25.89 -14.40 -1.05
N ALA B 57 25.28 -14.83 -2.17
CA ALA B 57 25.86 -14.59 -3.48
C ALA B 57 26.00 -13.10 -3.77
N ALA B 58 24.93 -12.35 -3.54
CA ALA B 58 24.95 -10.94 -3.87
C ALA B 58 25.98 -10.24 -3.01
N GLU B 59 26.04 -10.58 -1.73
CA GLU B 59 26.98 -9.93 -0.82
C GLU B 59 28.42 -10.22 -1.25
N GLN B 60 28.70 -11.47 -1.64
CA GLN B 60 30.03 -11.89 -2.07
C GLN B 60 30.43 -11.12 -3.32
N GLU B 61 29.46 -10.95 -4.23
CA GLU B 61 29.73 -10.35 -5.52
C GLU B 61 29.63 -8.83 -5.44
N GLN B 62 29.25 -8.26 -4.28
CA GLN B 62 29.01 -6.83 -4.12
C GLN B 62 28.10 -6.37 -5.27
N ALA B 63 26.99 -7.08 -5.42
CA ALA B 63 26.07 -6.88 -6.53
C ALA B 63 24.70 -6.49 -6.02
N PRO B 64 24.00 -5.56 -6.72
CA PRO B 64 22.57 -5.36 -6.50
C PRO B 64 21.85 -6.60 -7.06
N VAL B 65 20.73 -6.93 -6.41
CA VAL B 65 19.96 -8.11 -6.72
C VAL B 65 18.48 -7.86 -6.48
N MET B 66 17.66 -8.50 -7.29
CA MET B 66 16.25 -8.67 -7.01
C MET B 66 15.98 -10.09 -6.51
N LEU B 67 15.16 -10.19 -5.45
CA LEU B 67 14.59 -11.44 -5.02
C LEU B 67 13.13 -11.45 -5.43
N GLN B 68 12.76 -12.46 -6.21
CA GLN B 68 11.42 -12.56 -6.76
C GLN B 68 10.61 -13.53 -5.91
N ILE B 69 9.42 -13.07 -5.50
CA ILE B 69 8.40 -13.88 -4.84
C ILE B 69 7.29 -14.06 -5.86
N GLY B 70 7.17 -15.29 -6.36
CA GLY B 70 6.17 -15.61 -7.36
C GLY B 70 4.98 -16.42 -6.85
N GLN B 71 4.20 -16.92 -7.81
CA GLN B 71 2.87 -17.43 -7.49
C GLN B 71 2.99 -18.74 -6.73
N LYS B 72 3.97 -19.56 -7.12
CA LYS B 72 4.07 -20.86 -6.49
C LYS B 72 4.38 -20.72 -5.00
N VAL B 73 5.38 -19.89 -4.68
CA VAL B 73 5.80 -19.74 -3.28
C VAL B 73 4.74 -19.00 -2.47
N ILE B 74 3.98 -18.13 -3.12
CA ILE B 74 2.85 -17.51 -2.46
C ILE B 74 1.81 -18.57 -2.07
N SER B 75 1.52 -19.53 -2.96
CA SER B 75 0.58 -20.57 -2.62
C SER B 75 1.10 -21.46 -1.50
N VAL B 76 2.41 -21.68 -1.37
CA VAL B 76 2.95 -22.61 -0.39
C VAL B 76 3.17 -21.90 0.95
N MET B 77 3.91 -20.80 0.95
CA MET B 77 4.42 -20.14 2.14
C MET B 77 3.61 -18.89 2.49
N GLY B 78 2.97 -18.24 1.50
CA GLY B 78 2.29 -16.96 1.71
C GLY B 78 3.18 -15.75 1.32
N LEU B 79 2.53 -14.69 0.82
CA LEU B 79 3.18 -13.47 0.38
C LEU B 79 3.88 -12.78 1.55
N LYS B 80 3.14 -12.48 2.62
CA LYS B 80 3.67 -11.72 3.74
C LYS B 80 4.74 -12.53 4.48
N PRO B 81 4.53 -13.82 4.76
CA PRO B 81 5.60 -14.63 5.33
C PRO B 81 6.91 -14.65 4.55
N MET B 82 6.86 -14.72 3.23
CA MET B 82 8.07 -14.73 2.43
C MET B 82 8.75 -13.36 2.51
N LYS B 83 7.98 -12.26 2.49
CA LYS B 83 8.52 -10.93 2.68
C LYS B 83 9.25 -10.85 4.02
N GLU B 84 8.60 -11.35 5.09
CA GLU B 84 9.14 -11.26 6.41
C GLU B 84 10.36 -12.15 6.58
N MET B 85 10.37 -13.28 5.85
CA MET B 85 11.51 -14.16 5.89
C MET B 85 12.71 -13.43 5.26
N ILE B 86 12.48 -12.74 4.15
CA ILE B 86 13.61 -12.01 3.55
C ILE B 86 14.13 -11.00 4.55
N ASP B 87 13.21 -10.21 5.14
CA ASP B 87 13.58 -9.23 6.17
C ASP B 87 14.47 -9.86 7.23
N ALA B 88 14.13 -11.07 7.69
CA ALA B 88 14.84 -11.69 8.79
C ALA B 88 16.27 -12.03 8.39
N PHE B 89 16.52 -12.25 7.07
CA PHE B 89 17.84 -12.63 6.63
C PHE B 89 18.65 -11.45 6.09
N MET B 90 18.16 -10.22 6.23
CA MET B 90 18.83 -9.05 5.68
C MET B 90 19.77 -8.42 6.69
N HIS B 91 19.83 -8.97 7.91
CA HIS B 91 20.52 -8.31 9.01
C HIS B 91 21.98 -8.01 8.65
N ASP B 92 22.67 -8.92 7.94
CA ASP B 92 24.09 -8.75 7.67
C ASP B 92 24.33 -8.36 6.20
N ILE B 93 23.31 -7.87 5.49
CA ILE B 93 23.45 -7.64 4.06
C ILE B 93 23.62 -6.15 3.80
N THR B 94 24.59 -5.77 2.97
CA THR B 94 24.87 -4.37 2.69
C THR B 94 24.57 -3.98 1.25
N VAL B 95 24.38 -4.96 0.35
CA VAL B 95 24.21 -4.63 -1.05
C VAL B 95 22.77 -4.26 -1.32
N PRO B 96 22.47 -3.57 -2.43
CA PRO B 96 21.10 -3.20 -2.75
C PRO B 96 20.26 -4.44 -3.03
N VAL B 97 19.12 -4.54 -2.33
CA VAL B 97 18.16 -5.62 -2.50
C VAL B 97 16.79 -5.05 -2.83
N CYS B 98 16.10 -5.68 -3.79
CA CYS B 98 14.76 -5.29 -4.17
C CYS B 98 13.90 -6.53 -4.14
N ILE B 99 12.83 -6.51 -3.32
CA ILE B 99 11.87 -7.62 -3.32
C ILE B 99 10.81 -7.33 -4.36
N HIS B 100 10.60 -8.31 -5.26
CA HIS B 100 9.80 -8.11 -6.46
C HIS B 100 8.73 -9.20 -6.52
N LEU B 101 7.48 -8.79 -6.78
CA LEU B 101 6.35 -9.69 -7.02
C LEU B 101 6.35 -10.14 -8.47
N ASP B 102 6.39 -11.46 -8.65
CA ASP B 102 6.51 -12.05 -9.99
C ASP B 102 5.18 -12.64 -10.42
N HIS B 103 4.83 -12.37 -11.69
CA HIS B 103 3.72 -13.02 -12.38
C HIS B 103 2.37 -12.82 -11.69
N SER B 104 2.11 -11.65 -11.13
CA SER B 104 0.83 -11.44 -10.47
C SER B 104 -0.26 -11.26 -11.52
N ARG B 105 -1.36 -11.99 -11.40
CA ARG B 105 -2.47 -11.81 -12.33
C ARG B 105 -3.66 -11.15 -11.64
N SER B 106 -3.44 -10.54 -10.46
CA SER B 106 -4.54 -9.94 -9.72
C SER B 106 -4.12 -8.57 -9.19
N PHE B 107 -4.99 -7.58 -9.39
CA PHE B 107 -4.81 -6.26 -8.85
C PHE B 107 -4.73 -6.33 -7.33
N GLU B 108 -5.57 -7.18 -6.72
CA GLU B 108 -5.57 -7.30 -5.27
C GLU B 108 -4.22 -7.79 -4.75
N GLN B 109 -3.69 -8.85 -5.37
CA GLN B 109 -2.44 -9.43 -4.93
C GLN B 109 -1.31 -8.43 -5.09
N THR B 110 -1.33 -7.69 -6.19
CA THR B 110 -0.31 -6.69 -6.45
C THR B 110 -0.40 -5.58 -5.41
N MET B 111 -1.61 -5.13 -5.08
CA MET B 111 -1.76 -4.17 -4.00
C MET B 111 -1.30 -4.72 -2.66
N GLU B 112 -1.51 -6.01 -2.37
CA GLU B 112 -1.02 -6.60 -1.14
C GLU B 112 0.50 -6.54 -1.05
N ALA B 113 1.20 -6.73 -2.17
CA ALA B 113 2.64 -6.66 -2.18
C ALA B 113 3.08 -5.22 -1.91
N VAL B 114 2.34 -4.27 -2.48
CA VAL B 114 2.62 -2.87 -2.24
C VAL B 114 2.47 -2.57 -0.75
N GLN B 115 1.35 -3.02 -0.17
CA GLN B 115 1.10 -2.80 1.23
C GLN B 115 2.14 -3.49 2.09
N ALA B 116 2.69 -4.62 1.68
CA ALA B 116 3.67 -5.31 2.51
C ALA B 116 5.07 -4.74 2.33
N GLY B 117 5.25 -3.75 1.47
CA GLY B 117 6.52 -3.04 1.39
C GLY B 117 7.48 -3.62 0.37
N PHE B 118 6.97 -4.24 -0.70
CA PHE B 118 7.83 -4.69 -1.80
C PHE B 118 8.42 -3.47 -2.52
N GLN B 119 9.58 -3.66 -3.19
CA GLN B 119 10.25 -2.57 -3.90
C GLN B 119 9.98 -2.61 -5.41
N SER B 120 9.27 -3.63 -5.86
CA SER B 120 8.94 -3.78 -7.27
C SER B 120 7.81 -4.76 -7.40
N VAL B 121 6.94 -4.54 -8.40
CA VAL B 121 5.87 -5.47 -8.71
C VAL B 121 5.75 -5.66 -10.22
N MET B 122 5.48 -6.91 -10.60
CA MET B 122 5.01 -7.24 -11.94
C MET B 122 3.52 -7.59 -11.90
N PHE B 123 2.69 -6.75 -12.52
CA PHE B 123 1.36 -7.17 -12.91
C PHE B 123 1.43 -7.77 -14.31
N ASP B 124 1.15 -9.06 -14.39
CA ASP B 124 1.23 -9.81 -15.64
C ASP B 124 -0.15 -9.94 -16.26
N GLY B 125 -0.51 -8.97 -17.11
CA GLY B 125 -1.81 -9.00 -17.77
C GLY B 125 -1.77 -9.74 -19.11
N SER B 126 -0.75 -10.58 -19.31
CA SER B 126 -0.47 -11.11 -20.64
C SER B 126 -1.54 -12.10 -21.12
N HIS B 127 -2.37 -12.64 -20.22
CA HIS B 127 -3.49 -13.46 -20.64
C HIS B 127 -4.76 -12.63 -20.85
N LEU B 128 -4.71 -11.31 -20.66
CA LEU B 128 -5.88 -10.46 -20.82
C LEU B 128 -5.87 -9.83 -22.21
N SER B 129 -7.01 -9.31 -22.64
CA SER B 129 -7.06 -8.49 -23.84
C SER B 129 -6.04 -7.36 -23.70
N PHE B 130 -5.62 -6.81 -24.84
CA PHE B 130 -4.72 -5.67 -24.82
C PHE B 130 -5.28 -4.57 -23.92
N ASP B 131 -6.57 -4.28 -24.04
CA ASP B 131 -7.15 -3.13 -23.36
C ASP B 131 -7.21 -3.33 -21.84
N GLU B 132 -7.50 -4.55 -21.40
CA GLU B 132 -7.62 -4.89 -20.00
C GLU B 132 -6.22 -4.89 -19.37
N ASN B 133 -5.27 -5.47 -20.10
CA ASN B 133 -3.87 -5.50 -19.70
C ASN B 133 -3.41 -4.07 -19.44
N VAL B 134 -3.66 -3.18 -20.41
CA VAL B 134 -3.30 -1.78 -20.29
C VAL B 134 -3.99 -1.17 -19.07
N ARG B 135 -5.29 -1.43 -18.92
CA ARG B 135 -6.05 -0.72 -17.88
C ARG B 135 -5.49 -1.05 -16.49
N ILE B 136 -5.30 -2.33 -16.21
CA ILE B 136 -4.88 -2.75 -14.88
C ILE B 136 -3.41 -2.43 -14.66
N THR B 137 -2.59 -2.61 -15.71
CA THR B 137 -1.17 -2.36 -15.60
C THR B 137 -0.95 -0.89 -15.30
N ARG B 138 -1.69 -0.01 -16.00
CA ARG B 138 -1.57 1.41 -15.75
C ARG B 138 -1.97 1.73 -14.31
N ALA B 139 -3.08 1.15 -13.82
CA ALA B 139 -3.50 1.39 -12.43
C ALA B 139 -2.38 1.01 -11.46
N VAL B 140 -1.78 -0.15 -11.67
CA VAL B 140 -0.67 -0.64 -10.86
C VAL B 140 0.51 0.31 -10.95
N ALA B 141 0.82 0.81 -12.17
CA ALA B 141 1.97 1.69 -12.37
C ALA B 141 1.79 3.02 -11.65
N ASP B 142 0.57 3.55 -11.65
CA ASP B 142 0.30 4.81 -10.97
C ASP B 142 0.58 4.68 -9.46
N VAL B 143 0.23 3.53 -8.89
CA VAL B 143 0.51 3.28 -7.49
C VAL B 143 2.02 3.17 -7.27
N ALA B 144 2.70 2.39 -8.11
CA ALA B 144 4.15 2.19 -8.01
C ALA B 144 4.90 3.51 -8.12
N HIS B 145 4.49 4.35 -9.08
CA HIS B 145 5.17 5.63 -9.26
C HIS B 145 4.98 6.49 -8.01
N ALA B 146 3.76 6.45 -7.44
CA ALA B 146 3.45 7.26 -6.26
C ALA B 146 4.36 6.89 -5.09
N LEU B 147 4.68 5.60 -4.96
CA LEU B 147 5.44 5.12 -3.81
C LEU B 147 6.89 4.78 -4.14
N ASN B 148 7.40 5.23 -5.30
CA ASN B 148 8.79 5.04 -5.66
CA ASN B 148 8.76 5.00 -5.80
C ASN B 148 9.17 3.55 -5.63
N LEU B 149 8.34 2.69 -6.18
CA LEU B 149 8.76 1.34 -6.39
C LEU B 149 8.63 1.04 -7.87
N GLY B 150 9.39 0.03 -8.28
CA GLY B 150 9.41 -0.44 -9.65
C GLY B 150 8.11 -1.12 -10.06
N VAL B 151 7.75 -0.89 -11.33
CA VAL B 151 6.65 -1.60 -11.93
C VAL B 151 7.06 -2.23 -13.27
N GLU B 152 6.72 -3.51 -13.38
CA GLU B 152 6.90 -4.34 -14.56
C GLU B 152 5.55 -4.77 -15.09
N GLY B 153 5.39 -4.69 -16.41
CA GLY B 153 4.28 -5.31 -17.10
C GLY B 153 4.78 -6.21 -18.22
N GLU B 154 3.85 -6.97 -18.82
CA GLU B 154 4.17 -7.92 -19.87
C GLU B 154 3.18 -7.77 -21.01
N ILE B 155 3.70 -7.64 -22.23
CA ILE B 155 2.88 -7.75 -23.44
C ILE B 155 3.44 -8.86 -24.33
N GLY B 156 2.60 -9.86 -24.59
CA GLY B 156 2.97 -11.12 -25.24
C GLY B 156 3.04 -12.28 -24.25
N LYS B 157 2.39 -13.40 -24.57
CA LYS B 157 2.41 -14.58 -23.73
C LYS B 157 3.81 -15.20 -23.80
N ILE B 158 4.34 -15.62 -22.65
CA ILE B 158 5.53 -16.43 -22.57
C ILE B 158 5.14 -17.71 -21.83
N GLY B 159 5.20 -18.82 -22.55
CA GLY B 159 4.74 -20.09 -22.03
C GLY B 159 5.88 -20.90 -21.40
N GLY B 160 5.61 -22.22 -21.38
CA GLY B 160 6.52 -23.23 -20.84
C GLY B 160 7.24 -23.97 -21.96
N THR B 161 8.33 -24.64 -21.60
CA THR B 161 9.17 -25.35 -22.56
C THR B 161 8.56 -26.71 -22.95
N GLU B 162 7.72 -27.28 -22.09
CA GLU B 162 7.17 -28.62 -22.32
C GLU B 162 6.18 -28.60 -23.50
N ASP B 163 5.61 -27.41 -23.77
CA ASP B 163 4.60 -27.21 -24.80
C ASP B 163 5.07 -27.87 -26.12
N LEU B 173 4.22 -15.54 -32.08
CA LEU B 173 4.91 -15.72 -30.77
C LEU B 173 5.55 -14.38 -30.33
N ILE B 174 6.43 -13.83 -31.19
CA ILE B 174 7.29 -12.70 -30.83
C ILE B 174 6.46 -11.41 -30.77
N THR B 175 6.75 -10.56 -29.76
CA THR B 175 6.07 -9.30 -29.58
C THR B 175 6.50 -8.32 -30.66
N SER B 176 5.54 -7.60 -31.26
CA SER B 176 5.84 -6.63 -32.29
C SER B 176 6.36 -5.36 -31.63
N CYS B 177 7.17 -4.61 -32.38
CA CYS B 177 7.77 -3.41 -31.85
C CYS B 177 6.66 -2.38 -31.57
N ALA B 178 5.68 -2.28 -32.47
CA ALA B 178 4.63 -1.29 -32.35
C ALA B 178 3.75 -1.56 -31.12
N GLU B 179 3.44 -2.83 -30.89
CA GLU B 179 2.63 -3.21 -29.74
C GLU B 179 3.40 -2.90 -28.45
N ALA B 180 4.69 -3.24 -28.42
CA ALA B 180 5.49 -2.99 -27.24
C ALA B 180 5.52 -1.49 -26.93
N LEU B 181 5.67 -0.67 -27.98
CA LEU B 181 5.70 0.78 -27.83
C LEU B 181 4.38 1.30 -27.24
N LYS B 182 3.26 0.88 -27.84
CA LYS B 182 1.95 1.40 -27.46
C LYS B 182 1.64 1.01 -26.00
N PHE B 183 1.81 -0.28 -25.70
CA PHE B 183 1.63 -0.77 -24.35
C PHE B 183 2.47 0.01 -23.35
N SER B 184 3.76 0.19 -23.69
CA SER B 184 4.70 0.89 -22.86
C SER B 184 4.26 2.34 -22.59
N GLU B 185 3.78 3.03 -23.63
CA GLU B 185 3.44 4.43 -23.47
C GLU B 185 2.09 4.55 -22.72
N LEU B 186 1.15 3.65 -22.94
CA LEU B 186 -0.13 3.73 -22.26
C LEU B 186 -0.04 3.31 -20.79
N THR B 187 0.89 2.39 -20.43
CA THR B 187 0.96 1.86 -19.07
C THR B 187 1.95 2.62 -18.19
N THR B 188 3.03 3.15 -18.80
CA THR B 188 4.08 3.87 -18.11
C THR B 188 4.91 2.91 -17.24
N VAL B 189 4.90 1.62 -17.56
CA VAL B 189 5.75 0.67 -16.84
C VAL B 189 7.20 1.15 -16.85
N ASP B 190 7.94 0.76 -15.83
CA ASP B 190 9.33 1.15 -15.71
C ASP B 190 10.20 0.18 -16.51
N TYR B 191 9.83 -1.10 -16.55
CA TYR B 191 10.53 -2.11 -17.33
C TYR B 191 9.48 -3.05 -17.90
N LEU B 192 9.80 -3.65 -19.06
CA LEU B 192 8.82 -4.34 -19.87
C LEU B 192 9.27 -5.73 -20.24
N ALA B 193 8.44 -6.72 -19.88
CA ALA B 193 8.57 -8.08 -20.33
C ALA B 193 7.88 -8.23 -21.70
N VAL B 194 8.63 -8.83 -22.62
CA VAL B 194 8.11 -9.09 -23.97
C VAL B 194 8.51 -10.50 -24.34
N SER B 195 7.81 -11.02 -25.34
CA SER B 195 8.03 -12.35 -25.89
C SER B 195 9.13 -12.26 -26.97
N ILE B 196 10.33 -12.78 -26.68
CA ILE B 196 11.49 -12.64 -27.58
C ILE B 196 12.26 -13.96 -27.69
N GLY B 197 11.58 -15.10 -27.49
CA GLY B 197 12.09 -16.42 -27.83
C GLY B 197 12.43 -17.26 -26.60
N THR B 198 12.11 -16.77 -25.40
CA THR B 198 12.31 -17.57 -24.20
C THR B 198 11.01 -18.27 -23.80
N ALA B 199 11.15 -19.17 -22.83
CA ALA B 199 10.03 -19.86 -22.23
C ALA B 199 10.43 -20.27 -20.82
N HIS B 200 9.42 -20.50 -19.98
CA HIS B 200 9.67 -20.89 -18.59
C HIS B 200 9.96 -22.39 -18.53
N GLY B 201 10.95 -22.82 -17.72
CA GLY B 201 11.22 -24.24 -17.54
C GLY B 201 12.57 -24.67 -18.11
N MET B 202 12.87 -25.99 -18.09
CA MET B 202 14.07 -26.55 -18.70
C MET B 202 13.84 -26.58 -20.21
N TYR B 203 14.78 -25.99 -20.94
CA TYR B 203 14.64 -25.92 -22.39
C TYR B 203 14.91 -27.33 -22.94
N LYS B 204 14.02 -27.80 -23.83
CA LYS B 204 14.22 -29.07 -24.52
C LYS B 204 15.29 -28.83 -25.60
N GLN B 205 14.98 -27.90 -26.52
CA GLN B 205 15.93 -27.45 -27.53
C GLN B 205 16.50 -26.10 -27.12
N GLU B 206 17.72 -25.81 -27.61
CA GLU B 206 18.39 -24.54 -27.36
C GLU B 206 17.51 -23.41 -27.89
N PRO B 207 17.22 -22.36 -27.09
CA PRO B 207 16.46 -21.23 -27.61
C PRO B 207 17.32 -20.31 -28.47
N LYS B 208 16.71 -19.56 -29.38
CA LYS B 208 17.39 -18.50 -30.12
C LYS B 208 16.60 -17.22 -29.91
N LEU B 209 17.20 -16.20 -29.26
CA LEU B 209 16.46 -14.98 -28.92
C LEU B 209 16.20 -14.15 -30.17
N ALA B 210 15.13 -13.36 -30.16
CA ALA B 210 14.81 -12.49 -31.29
C ALA B 210 15.59 -11.18 -31.20
N PHE B 211 16.90 -11.24 -31.51
CA PHE B 211 17.82 -10.14 -31.30
C PHE B 211 17.46 -8.95 -32.19
N GLU B 212 16.97 -9.21 -33.42
CA GLU B 212 16.64 -8.14 -34.32
C GLU B 212 15.51 -7.32 -33.68
N ARG B 213 14.52 -8.04 -33.14
CA ARG B 213 13.36 -7.42 -32.54
C ARG B 213 13.78 -6.63 -31.29
N LEU B 214 14.68 -7.21 -30.47
CA LEU B 214 15.18 -6.47 -29.30
C LEU B 214 15.84 -5.16 -29.71
N GLN B 215 16.65 -5.23 -30.79
CA GLN B 215 17.37 -4.05 -31.23
C GLN B 215 16.40 -2.99 -31.72
N GLU B 216 15.37 -3.37 -32.51
CA GLU B 216 14.34 -2.39 -32.85
C GLU B 216 13.79 -1.72 -31.58
N MET B 217 13.39 -2.53 -30.58
CA MET B 217 12.82 -2.02 -29.35
C MET B 217 13.79 -1.07 -28.65
N ARG B 218 15.09 -1.39 -28.67
CA ARG B 218 16.06 -0.52 -28.02
C ARG B 218 15.99 0.91 -28.59
N GLU B 219 15.85 1.03 -29.92
CA GLU B 219 15.79 2.33 -30.58
C GLU B 219 14.40 2.98 -30.40
N ILE B 220 13.31 2.20 -30.37
CA ILE B 220 11.97 2.74 -30.47
C ILE B 220 11.23 2.79 -29.12
N VAL B 221 11.23 1.67 -28.40
CA VAL B 221 10.56 1.60 -27.11
C VAL B 221 11.34 2.38 -26.07
N LYS B 222 12.65 2.17 -26.01
CA LYS B 222 13.55 2.94 -25.14
C LYS B 222 13.18 2.78 -23.66
N LYS B 223 12.95 1.54 -23.25
CA LYS B 223 12.73 1.18 -21.87
C LYS B 223 13.55 -0.05 -21.55
N PRO B 224 14.01 -0.23 -20.30
CA PRO B 224 14.66 -1.47 -19.90
C PRO B 224 13.74 -2.64 -20.20
N ILE B 225 14.32 -3.75 -20.73
CA ILE B 225 13.58 -4.95 -21.08
C ILE B 225 13.85 -6.01 -20.02
N VAL B 226 12.81 -6.80 -19.74
CA VAL B 226 12.92 -7.89 -18.81
C VAL B 226 12.91 -9.17 -19.61
N LEU B 227 13.88 -10.03 -19.34
CA LEU B 227 13.96 -11.35 -19.93
C LEU B 227 13.42 -12.40 -18.97
N HIS B 228 12.23 -12.92 -19.31
CA HIS B 228 11.64 -14.08 -18.64
C HIS B 228 12.23 -15.32 -19.27
N GLY B 229 12.24 -16.41 -18.52
CA GLY B 229 12.74 -17.69 -19.00
C GLY B 229 14.25 -17.69 -19.18
N GLY B 230 14.93 -16.99 -18.28
CA GLY B 230 16.38 -16.81 -18.31
C GLY B 230 17.16 -18.10 -18.00
N SER B 231 16.55 -19.09 -17.32
CA SER B 231 17.22 -20.35 -17.01
C SER B 231 17.59 -21.08 -18.30
N GLY B 232 18.81 -21.60 -18.40
CA GLY B 232 19.23 -22.39 -19.55
C GLY B 232 19.46 -21.59 -20.85
N VAL B 233 19.38 -20.26 -20.83
CA VAL B 233 19.68 -19.50 -22.05
C VAL B 233 21.21 -19.46 -22.16
N PRO B 234 21.80 -19.80 -23.33
CA PRO B 234 23.26 -19.76 -23.46
C PRO B 234 23.84 -18.41 -23.06
N ASP B 235 24.93 -18.45 -22.29
CA ASP B 235 25.63 -17.28 -21.82
C ASP B 235 25.81 -16.21 -22.91
N GLU B 236 26.20 -16.58 -24.15
CA GLU B 236 26.54 -15.58 -25.15
C GLU B 236 25.28 -14.88 -25.61
N GLN B 237 24.16 -15.59 -25.66
CA GLN B 237 22.91 -14.94 -26.02
C GLN B 237 22.46 -13.94 -24.92
N ILE B 238 22.71 -14.30 -23.66
CA ILE B 238 22.41 -13.41 -22.54
C ILE B 238 23.24 -12.14 -22.69
N ARG B 239 24.56 -12.29 -22.90
CA ARG B 239 25.42 -11.10 -22.99
C ARG B 239 24.93 -10.17 -24.10
N ARG B 240 24.52 -10.73 -25.24
CA ARG B 240 24.12 -9.90 -26.36
C ARG B 240 22.80 -9.19 -26.06
N ALA B 241 21.87 -9.93 -25.45
CA ALA B 241 20.56 -9.38 -25.10
C ALA B 241 20.73 -8.17 -24.16
N ILE B 242 21.64 -8.29 -23.20
CA ILE B 242 21.92 -7.21 -22.29
C ILE B 242 22.42 -5.99 -23.05
N THR B 243 23.27 -6.16 -24.09
CA THR B 243 23.71 -4.98 -24.87
C THR B 243 22.54 -4.33 -25.60
N LEU B 244 21.50 -5.10 -25.92
CA LEU B 244 20.35 -4.56 -26.61
C LEU B 244 19.25 -4.05 -25.66
N GLY B 245 19.56 -3.99 -24.35
CA GLY B 245 18.67 -3.29 -23.44
C GLY B 245 17.92 -4.24 -22.48
N VAL B 246 18.22 -5.52 -22.44
CA VAL B 246 17.75 -6.34 -21.33
C VAL B 246 18.48 -5.90 -20.07
N ALA B 247 17.69 -5.43 -19.08
CA ALA B 247 18.27 -4.99 -17.83
C ALA B 247 17.78 -5.77 -16.61
N LYS B 248 16.91 -6.75 -16.83
CA LYS B 248 16.48 -7.63 -15.75
C LYS B 248 16.37 -9.03 -16.34
N VAL B 249 17.03 -10.00 -15.69
CA VAL B 249 16.98 -11.35 -16.17
C VAL B 249 16.41 -12.23 -15.07
N ASN B 250 15.30 -12.89 -15.37
CA ASN B 250 14.61 -13.68 -14.37
C ASN B 250 15.16 -15.09 -14.39
N VAL B 251 15.61 -15.59 -13.24
CA VAL B 251 16.15 -16.93 -13.14
C VAL B 251 15.51 -17.64 -11.96
N ASP B 252 14.84 -18.77 -12.21
CA ASP B 252 14.25 -19.59 -11.14
C ASP B 252 14.62 -21.06 -11.30
N THR B 253 14.16 -21.70 -12.40
CA THR B 253 14.33 -23.14 -12.59
C THR B 253 15.80 -23.53 -12.39
N GLU B 254 16.73 -22.79 -13.00
CA GLU B 254 18.11 -23.22 -12.93
C GLU B 254 18.65 -23.18 -11.50
N LEU B 255 18.10 -22.31 -10.65
CA LEU B 255 18.57 -22.26 -9.27
C LEU B 255 17.98 -23.42 -8.49
N ARG B 256 16.73 -23.77 -8.79
CA ARG B 256 16.08 -24.89 -8.15
C ARG B 256 16.75 -26.21 -8.58
N GLN B 257 17.24 -26.27 -9.82
CA GLN B 257 18.03 -27.41 -10.29
C GLN B 257 19.30 -27.53 -9.45
N ALA B 258 20.02 -26.41 -9.30
CA ALA B 258 21.25 -26.39 -8.54
C ALA B 258 21.00 -26.79 -7.10
N PHE B 259 19.92 -26.26 -6.48
CA PHE B 259 19.59 -26.60 -5.11
C PHE B 259 19.31 -28.11 -5.00
N THR B 260 18.50 -28.62 -5.90
CA THR B 260 18.07 -30.03 -5.92
C THR B 260 19.27 -30.98 -6.15
N GLN B 261 20.19 -30.58 -7.03
CA GLN B 261 21.38 -31.38 -7.28
C GLN B 261 22.27 -31.43 -6.03
N GLY B 262 22.42 -30.32 -5.33
CA GLY B 262 23.18 -30.30 -4.09
C GLY B 262 22.58 -31.25 -3.04
N VAL B 263 21.26 -31.22 -2.91
CA VAL B 263 20.60 -32.08 -1.93
C VAL B 263 20.83 -33.56 -2.28
N SER B 264 20.76 -33.88 -3.58
CA SER B 264 20.94 -35.22 -4.12
C SER B 264 22.34 -35.80 -3.90
N GLU B 265 23.40 -35.03 -4.15
CA GLU B 265 24.76 -35.45 -3.83
C GLU B 265 24.83 -36.01 -2.40
N VAL B 266 24.11 -35.39 -1.45
CA VAL B 266 24.19 -35.81 -0.06
C VAL B 266 23.32 -37.04 0.20
N LEU B 267 22.04 -37.02 -0.25
CA LEU B 267 21.08 -38.04 0.17
C LEU B 267 21.24 -39.35 -0.59
N ALA B 268 21.65 -39.25 -1.87
CA ALA B 268 22.02 -40.42 -2.67
C ALA B 268 23.23 -41.11 -2.03
N ALA B 269 24.25 -40.34 -1.62
CA ALA B 269 25.45 -40.93 -1.02
C ALA B 269 25.14 -41.48 0.38
N SER B 270 24.31 -40.77 1.17
CA SER B 270 24.00 -41.19 2.52
C SER B 270 22.52 -40.99 2.77
N PRO B 271 21.66 -42.00 2.45
CA PRO B 271 20.21 -41.86 2.64
C PRO B 271 19.81 -41.59 4.09
N ASP B 272 20.74 -41.90 5.01
CA ASP B 272 20.44 -41.81 6.43
CA ASP B 272 20.60 -41.88 6.45
C ASP B 272 21.10 -40.55 7.01
N GLU B 273 21.59 -39.65 6.15
CA GLU B 273 22.09 -38.35 6.57
C GLU B 273 20.90 -37.47 6.92
N TYR B 274 20.63 -37.34 8.23
CA TYR B 274 19.46 -36.62 8.71
C TYR B 274 19.80 -35.19 9.16
N VAL B 275 21.06 -34.72 8.98
CA VAL B 275 21.42 -33.36 9.39
C VAL B 275 21.08 -32.43 8.22
N LEU B 276 20.00 -31.65 8.35
CA LEU B 276 19.50 -30.79 7.25
C LEU B 276 20.52 -29.71 6.89
N ALA B 277 21.29 -29.28 7.89
CA ALA B 277 22.40 -28.36 7.72
C ALA B 277 23.37 -28.91 6.68
N VAL B 278 23.45 -30.26 6.58
CA VAL B 278 24.36 -30.89 5.64
C VAL B 278 23.65 -31.08 4.29
N SER B 279 22.47 -31.73 4.28
CA SER B 279 21.79 -32.01 3.03
C SER B 279 21.28 -30.73 2.37
N LEU B 280 20.54 -29.92 3.12
CA LEU B 280 19.98 -28.71 2.55
C LEU B 280 21.09 -27.65 2.45
N GLY B 281 22.06 -27.65 3.39
CA GLY B 281 23.24 -26.82 3.28
C GLY B 281 23.95 -26.96 1.93
N ARG B 282 24.07 -28.21 1.45
CA ARG B 282 24.76 -28.47 0.20
C ARG B 282 23.93 -27.93 -0.96
N GLY B 283 22.61 -28.17 -0.91
CA GLY B 283 21.71 -27.52 -1.86
C GLY B 283 21.94 -26.00 -1.89
N ARG B 284 22.01 -25.41 -0.69
CA ARG B 284 22.23 -23.98 -0.57
C ARG B 284 23.58 -23.59 -1.20
N ASP B 285 24.64 -24.37 -0.98
CA ASP B 285 25.98 -23.99 -1.46
C ASP B 285 26.06 -24.03 -2.98
N VAL B 286 25.47 -25.08 -3.56
CA VAL B 286 25.49 -25.25 -5.00
C VAL B 286 24.62 -24.18 -5.63
N MET B 287 23.47 -23.88 -5.02
CA MET B 287 22.65 -22.79 -5.51
C MET B 287 23.37 -21.44 -5.42
N GLN B 288 24.09 -21.22 -4.31
CA GLN B 288 24.82 -19.97 -4.18
C GLN B 288 25.79 -19.78 -5.35
N GLN B 289 26.51 -20.86 -5.73
CA GLN B 289 27.51 -20.78 -6.80
C GLN B 289 26.81 -20.53 -8.14
N LYS B 290 25.65 -21.15 -8.37
CA LYS B 290 24.90 -20.81 -9.56
C LYS B 290 24.55 -19.31 -9.57
N VAL B 291 24.15 -18.77 -8.42
CA VAL B 291 23.72 -17.38 -8.41
C VAL B 291 24.92 -16.48 -8.69
N ILE B 292 26.07 -16.80 -8.10
CA ILE B 292 27.30 -16.07 -8.36
C ILE B 292 27.57 -16.05 -9.85
N GLU B 293 27.45 -17.22 -10.49
CA GLU B 293 27.70 -17.35 -11.91
C GLU B 293 26.75 -16.44 -12.70
N LYS B 294 25.46 -16.40 -12.32
CA LYS B 294 24.50 -15.56 -13.01
C LYS B 294 24.79 -14.07 -12.81
N ILE B 295 25.16 -13.68 -11.58
CA ILE B 295 25.45 -12.29 -11.30
C ILE B 295 26.58 -11.85 -12.24
N ARG B 296 27.60 -12.68 -12.37
CA ARG B 296 28.77 -12.31 -13.15
C ARG B 296 28.39 -12.30 -14.62
N LEU B 297 27.63 -13.30 -15.05
CA LEU B 297 27.14 -13.25 -16.42
C LEU B 297 26.45 -11.94 -16.74
N PHE B 298 25.66 -11.43 -15.78
CA PHE B 298 24.81 -10.29 -16.03
C PHE B 298 25.58 -8.99 -16.00
N GLY B 299 26.79 -9.03 -15.45
CA GLY B 299 27.62 -7.84 -15.35
C GLY B 299 27.34 -7.01 -14.11
N SER B 300 26.67 -7.60 -13.08
CA SER B 300 26.24 -6.81 -11.94
C SER B 300 27.22 -6.90 -10.79
N GLN B 301 28.29 -7.70 -10.90
CA GLN B 301 29.26 -7.81 -9.83
C GLN B 301 29.99 -6.48 -9.62
N GLY B 302 30.27 -6.14 -8.35
CA GLY B 302 30.89 -4.86 -8.01
C GLY B 302 29.95 -3.66 -8.05
N GLN B 303 28.73 -3.77 -8.62
CA GLN B 303 27.93 -2.60 -8.91
C GLN B 303 27.25 -2.04 -7.67
N ALA B 304 27.31 -2.74 -6.53
CA ALA B 304 26.78 -2.21 -5.27
C ALA B 304 27.37 -0.83 -4.98
N ALA B 305 28.66 -0.65 -5.31
CA ALA B 305 29.34 0.64 -5.11
C ALA B 305 28.56 1.80 -5.75
N ALA B 306 27.98 1.58 -6.93
CA ALA B 306 27.30 2.66 -7.63
C ALA B 306 26.12 3.18 -6.84
N PHE B 307 25.57 2.45 -5.84
CA PHE B 307 24.34 2.90 -5.19
C PHE B 307 24.57 3.38 -3.76
N ALA B 308 25.79 3.30 -3.23
CA ALA B 308 26.08 3.82 -1.88
C ALA B 308 26.21 5.34 -1.94
NA NA C . -16.97 22.95 13.38
ZN ZN D . -13.17 18.33 6.79
C1 JP9 E . -13.21 17.95 10.24
C2 JP9 E . -13.97 18.50 11.44
C3 JP9 E . -11.86 17.42 10.53
C4 JP9 E . -10.96 18.69 10.30
C5 JP9 E . -9.36 18.64 10.39
C6 JP9 E . -8.24 19.38 9.47
S1 JP9 E . -6.64 18.49 9.29
O2 JP9 E . -13.74 19.91 11.72
O3 JP9 E . -15.53 20.79 13.31
O4 JP9 E . -13.44 22.01 13.08
O5 JP9 E . -13.39 19.81 14.14
O6 JP9 E . -12.03 16.26 9.76
O7 JP9 E . -11.38 19.32 9.09
O8 JP9 E . -9.10 19.17 11.66
O9 JP9 E . -6.62 17.66 10.49
O10 JP9 E . -6.66 17.66 8.10
O11 JP9 E . -5.50 19.41 9.24
O1 JP9 E . -13.61 17.84 9.05
P1 JP9 E . -14.02 20.64 13.11
NA NA F . 13.77 -21.17 -19.11
ZN ZN G . 7.94 -15.20 -16.50
C1 JP9 H . 10.75 -16.56 -14.78
C2 JP9 H . 11.92 -17.44 -15.27
C3 JP9 H . 10.44 -16.52 -13.34
C4 JP9 H . 9.45 -17.71 -13.39
C5 JP9 H . 8.66 -18.18 -12.09
C6 JP9 H . 7.13 -18.63 -11.99
S1 JP9 H . 6.30 -18.30 -10.41
O2 JP9 H . 11.69 -18.84 -15.69
O3 JP9 H . 13.68 -19.65 -16.90
O4 JP9 H . 12.22 -21.28 -15.87
O5 JP9 H . 13.60 -19.90 -14.45
O6 JP9 H . 10.17 -15.12 -13.26
O7 JP9 H . 8.57 -17.45 -14.48
O8 JP9 H . 9.34 -19.36 -11.65
O9 JP9 H . 5.54 -17.08 -10.53
O10 JP9 H . 5.39 -19.37 -10.04
O11 JP9 H . 7.43 -18.16 -9.47
O1 JP9 H . 10.00 -15.83 -15.45
P1 JP9 H . 12.83 -19.92 -15.70
#